data_2YHB
#
_entry.id   2YHB
#
_cell.length_a   218.910
_cell.length_b   218.910
_cell.length_c   76.650
_cell.angle_alpha   90.00
_cell.angle_beta   90.00
_cell.angle_gamma   120.00
#
_symmetry.space_group_name_H-M   'P 63 2 2'
#
loop_
_entity.id
_entity.type
_entity.pdbx_description
1 polymer 'POST-TRANSCRIPTIONAL GENE SILENCING PROTEIN QDE-2'
2 non-polymer 'SULFATE ION'
3 non-polymer GLYCEROL
#
_entity_poly.entity_id   1
_entity_poly.type   'polypeptide(L)'
_entity_poly.pdbx_seq_one_letter_code
;GAMAVKVARPCRKIEKWTYLELKGSKANEGVPQAMTAFAEFLNRTGIPINPRFSPGMSMSVPGSEKEFFAKVKELMSSHQ
FVVVLLPRKDVAIYNMVKRAADITFGVHTVCCVAEKFLSTKGQLGYFANVGLKVNLKFGGTNHNIKTPIPLLAKGKTMVV
GYDVTHPTNLAAGQSPASAPSIVGLVSTIDQHLGQWPAMVWNNPHGQESMTEQFTDKFKTRLELWRSNPANNRSLPENIL
IFRDGVSEGQFQMVIKDELPLVRAACKLVYPAGKLPRITLIVSVKRHQTRFFPTDPKHIHFKSKSPKEGTVVDRGVTNVR
YWDFFLQAHASLQGTARSAHYTVLVDEIFRADYGNKAADTLEQLTHDMCYLFGRATKAVSICPPAYYADLVCDRARIHQK
ELFDALDENDSVKTDDFARWGNSGAVHPNLRNSMYYI
;
_entity_poly.pdbx_strand_id   A
#
loop_
_chem_comp.id
_chem_comp.type
_chem_comp.name
_chem_comp.formula
GOL non-polymer GLYCEROL 'C3 H8 O3'
SO4 non-polymer 'SULFATE ION' 'O4 S -2'
#
# COMPACT_ATOMS: atom_id res chain seq x y z
N VAL A 5 10.43 22.85 1.41
CA VAL A 5 9.73 22.40 0.21
C VAL A 5 8.36 21.81 0.53
N LYS A 6 7.32 22.50 0.08
CA LYS A 6 5.93 22.13 0.37
C LYS A 6 5.48 20.87 -0.40
N VAL A 7 4.21 20.53 -0.24
CA VAL A 7 3.58 19.40 -0.90
C VAL A 7 2.58 19.91 -1.94
N ALA A 8 2.40 19.18 -3.04
CA ALA A 8 1.52 19.63 -4.11
C ALA A 8 0.07 19.76 -3.64
N ARG A 9 -0.40 18.77 -2.91
CA ARG A 9 -1.78 18.78 -2.43
C ARG A 9 -1.76 18.31 -0.97
N PRO A 10 -2.13 19.19 -0.04
CA PRO A 10 -2.04 18.88 1.40
C PRO A 10 -3.05 17.81 1.80
N CYS A 11 -2.67 16.93 2.72
CA CYS A 11 -3.60 15.94 3.24
C CYS A 11 -4.70 16.58 4.09
N ARG A 12 -5.60 15.74 4.59
CA ARG A 12 -6.64 16.17 5.53
C ARG A 12 -6.05 16.67 6.84
N LYS A 13 -6.78 17.54 7.52
CA LYS A 13 -6.35 18.04 8.83
C LYS A 13 -6.13 16.91 9.82
N ILE A 14 -5.01 16.96 10.54
CA ILE A 14 -4.72 15.99 11.58
C ILE A 14 -4.93 16.63 12.94
N GLU A 15 -6.09 16.39 13.53
CA GLU A 15 -6.53 17.16 14.70
C GLU A 15 -6.09 16.51 15.99
N LYS A 16 -6.15 15.18 16.04
CA LYS A 16 -5.84 14.45 17.25
C LYS A 16 -4.71 13.46 17.03
N TRP A 17 -3.55 13.78 17.57
CA TRP A 17 -2.42 12.88 17.40
C TRP A 17 -1.59 12.85 18.67
N THR A 18 -0.66 11.91 18.75
CA THR A 18 0.16 11.77 19.96
C THR A 18 1.39 10.93 19.66
N TYR A 19 2.16 10.61 20.70
CA TYR A 19 3.32 9.76 20.47
C TYR A 19 3.33 8.58 21.44
N LEU A 20 4.01 7.50 21.03
CA LEU A 20 4.19 6.34 21.86
C LEU A 20 5.68 6.06 21.95
N GLU A 21 6.25 6.17 23.14
CA GLU A 21 7.68 5.98 23.29
C GLU A 21 8.00 4.60 23.84
N LEU A 22 8.67 3.78 23.03
CA LEU A 22 9.04 2.43 23.45
C LEU A 22 10.47 2.47 23.97
N LYS A 23 10.62 2.24 25.28
CA LYS A 23 11.90 2.48 25.93
C LYS A 23 12.92 1.41 25.54
N GLY A 24 14.15 1.87 25.32
CA GLY A 24 15.31 1.04 25.08
C GLY A 24 16.29 1.01 26.21
N SER A 25 17.54 0.65 25.90
CA SER A 25 18.51 0.46 26.96
C SER A 25 18.87 1.80 27.60
N LYS A 26 19.16 2.80 26.76
CA LYS A 26 19.40 4.16 27.24
C LYS A 26 18.09 4.94 27.25
N ALA A 27 17.84 5.76 28.26
CA ALA A 27 16.59 6.53 28.26
C ALA A 27 16.68 7.74 27.31
N ASN A 28 15.59 8.03 26.60
CA ASN A 28 15.51 9.18 25.72
C ASN A 28 15.22 10.48 26.48
N GLU A 29 15.71 11.62 25.98
CA GLU A 29 15.34 12.91 26.55
C GLU A 29 14.77 13.84 25.49
N GLY A 30 13.95 14.79 25.93
CA GLY A 30 13.51 15.85 25.02
C GLY A 30 12.46 15.45 24.00
N VAL A 31 11.79 14.33 24.25
CA VAL A 31 10.85 13.77 23.29
C VAL A 31 9.70 14.71 22.90
N PRO A 32 9.04 15.31 23.90
CA PRO A 32 7.91 16.19 23.57
C PRO A 32 8.33 17.44 22.78
N GLN A 33 9.54 17.93 23.04
CA GLN A 33 10.05 19.10 22.32
C GLN A 33 10.25 18.71 20.87
N ALA A 34 10.76 17.50 20.68
CA ALA A 34 10.99 16.97 19.35
C ALA A 34 9.67 16.78 18.62
N MET A 35 8.64 16.32 19.34
CA MET A 35 7.34 16.11 18.72
C MET A 35 6.77 17.43 18.24
N THR A 36 7.03 18.49 19.03
CA THR A 36 6.57 19.82 18.70
C THR A 36 7.29 20.34 17.46
N ALA A 37 8.61 20.16 17.42
CA ALA A 37 9.37 20.63 16.27
C ALA A 37 8.97 19.86 15.02
N PHE A 38 8.68 18.59 15.20
CA PHE A 38 8.22 17.71 14.14
C PHE A 38 6.94 18.27 13.51
N ALA A 39 5.95 18.52 14.37
CA ALA A 39 4.67 19.06 13.90
C ALA A 39 4.84 20.44 13.24
N GLU A 40 5.75 21.25 13.77
CA GLU A 40 6.03 22.56 13.18
C GLU A 40 6.53 22.36 11.76
N PHE A 41 7.44 21.41 11.59
CA PHE A 41 8.02 21.18 10.27
C PHE A 41 6.98 20.69 9.28
N LEU A 42 6.16 19.77 9.74
CA LEU A 42 5.07 19.29 8.90
C LEU A 42 4.20 20.46 8.45
N ASN A 43 3.81 21.33 9.39
CA ASN A 43 3.01 22.48 8.98
C ASN A 43 3.72 23.35 7.94
N ARG A 44 5.02 23.56 8.15
CA ARG A 44 5.79 24.39 7.23
C ARG A 44 5.79 23.83 5.81
N THR A 45 5.73 22.51 5.69
CA THR A 45 5.65 21.88 4.36
C THR A 45 4.20 21.74 3.88
N GLY A 46 3.27 22.27 4.66
CA GLY A 46 1.89 22.36 4.22
C GLY A 46 1.00 21.21 4.65
N ILE A 47 1.50 20.40 5.56
CA ILE A 47 0.72 19.31 6.11
C ILE A 47 0.00 19.85 7.33
N PRO A 48 -1.33 19.85 7.31
CA PRO A 48 -2.09 20.49 8.38
C PRO A 48 -2.22 19.62 9.62
N ILE A 49 -1.08 19.37 10.28
CA ILE A 49 -1.07 18.71 11.58
C ILE A 49 -1.16 19.72 12.73
N ASN A 50 -2.01 19.43 13.70
CA ASN A 50 -2.10 20.25 14.91
C ASN A 50 -0.73 20.36 15.60
N PRO A 51 -0.27 21.60 15.86
CA PRO A 51 1.01 21.77 16.55
C PRO A 51 0.97 21.16 17.95
N ARG A 52 -0.22 21.16 18.53
CA ARG A 52 -0.48 20.66 19.87
C ARG A 52 -0.79 19.16 19.80
N PHE A 53 0.02 18.34 20.46
CA PHE A 53 -0.33 16.93 20.63
C PHE A 53 -0.95 16.66 22.01
N SER A 54 -1.80 15.64 22.08
CA SER A 54 -2.28 15.15 23.37
C SER A 54 -1.08 14.47 24.02
N PRO A 55 -1.01 14.54 25.36
CA PRO A 55 0.19 13.98 26.00
C PRO A 55 0.47 12.55 25.61
N GLY A 56 1.74 12.28 25.33
CA GLY A 56 2.15 11.00 24.81
C GLY A 56 2.32 10.00 25.94
N MET A 57 2.65 8.76 25.58
CA MET A 57 2.84 7.73 26.58
C MET A 57 4.22 7.11 26.40
N SER A 58 4.88 6.80 27.50
CA SER A 58 6.14 6.08 27.45
C SER A 58 5.99 4.77 28.19
N MET A 59 6.55 3.72 27.62
CA MET A 59 6.46 2.40 28.21
C MET A 59 7.60 1.55 27.66
N SER A 60 7.91 0.49 28.37
CA SER A 60 8.86 -0.49 27.89
C SER A 60 8.04 -1.60 27.23
N VAL A 61 8.64 -2.33 26.29
CA VAL A 61 7.91 -3.35 25.54
C VAL A 61 7.61 -4.58 26.39
N PRO A 62 6.32 -4.95 26.50
CA PRO A 62 5.90 -6.06 27.35
C PRO A 62 6.35 -7.41 26.80
N GLY A 63 6.14 -8.47 27.56
CA GLY A 63 6.52 -9.82 27.13
C GLY A 63 5.68 -10.40 26.01
N SER A 64 4.39 -10.09 26.01
CA SER A 64 3.46 -10.68 25.05
C SER A 64 2.82 -9.62 24.18
N GLU A 65 2.23 -10.05 23.06
CA GLU A 65 1.63 -9.11 22.14
C GLU A 65 0.30 -8.63 22.69
N LYS A 66 -0.35 -9.50 23.45
CA LYS A 66 -1.64 -9.18 24.03
C LYS A 66 -1.50 -8.08 25.09
N GLU A 67 -0.41 -8.17 25.86
CA GLU A 67 -0.09 -7.13 26.85
C GLU A 67 0.14 -5.78 26.17
N PHE A 68 0.92 -5.80 25.10
CA PHE A 68 1.17 -4.60 24.32
C PHE A 68 -0.14 -3.96 23.85
N PHE A 69 -0.97 -4.77 23.20
CA PHE A 69 -2.24 -4.29 22.67
C PHE A 69 -3.07 -3.68 23.79
N ALA A 70 -3.08 -4.37 24.93
CA ALA A 70 -3.89 -3.95 26.06
C ALA A 70 -3.40 -2.58 26.52
N LYS A 71 -2.09 -2.38 26.49
CA LYS A 71 -1.50 -1.13 26.96
C LYS A 71 -1.73 0.06 26.02
N VAL A 72 -1.73 -0.21 24.72
CA VAL A 72 -1.86 0.87 23.74
C VAL A 72 -3.29 1.09 23.25
N LYS A 73 -4.23 0.29 23.75
CA LYS A 73 -5.57 0.31 23.19
C LYS A 73 -6.24 1.69 23.22
N GLU A 74 -6.15 2.37 24.36
CA GLU A 74 -6.90 3.62 24.49
C GLU A 74 -6.24 4.74 23.69
N LEU A 75 -4.91 4.80 23.76
CA LEU A 75 -4.18 5.78 22.97
C LEU A 75 -4.49 5.64 21.48
N MET A 76 -4.36 4.42 20.97
CA MET A 76 -4.54 4.18 19.52
C MET A 76 -5.98 4.35 19.06
N SER A 77 -6.93 4.01 19.92
CA SER A 77 -8.35 4.13 19.56
C SER A 77 -8.83 5.58 19.56
N SER A 78 -8.12 6.45 20.27
CA SER A 78 -8.60 7.82 20.47
C SER A 78 -7.86 8.89 19.69
N HIS A 79 -6.97 8.50 18.79
CA HIS A 79 -6.23 9.47 18.00
C HIS A 79 -6.29 9.14 16.52
N GLN A 80 -6.06 10.14 15.67
CA GLN A 80 -6.00 9.91 14.25
C GLN A 80 -4.60 9.45 13.86
N PHE A 81 -3.64 9.68 14.75
CA PHE A 81 -2.25 9.52 14.36
C PHE A 81 -1.31 9.30 15.54
N VAL A 82 -0.43 8.31 15.41
CA VAL A 82 0.57 8.12 16.45
C VAL A 82 1.99 8.00 15.91
N VAL A 83 2.89 8.83 16.46
CA VAL A 83 4.29 8.70 16.13
C VAL A 83 4.93 7.77 17.16
N VAL A 84 5.43 6.64 16.70
CA VAL A 84 6.00 5.65 17.61
C VAL A 84 7.51 5.65 17.55
N LEU A 85 8.17 5.85 18.68
CA LEU A 85 9.62 5.86 18.73
C LEU A 85 10.13 4.52 19.22
N LEU A 86 10.83 3.77 18.36
CA LEU A 86 11.39 2.50 18.77
C LEU A 86 12.73 2.77 19.44
N PRO A 87 13.10 1.94 20.41
CA PRO A 87 14.41 2.05 21.07
C PRO A 87 15.62 1.67 20.23
N ARG A 88 15.39 0.81 19.24
CA ARG A 88 16.41 0.39 18.31
C ARG A 88 15.74 -0.19 17.09
N LYS A 89 16.51 -0.43 16.03
CA LYS A 89 15.88 -0.96 14.83
C LYS A 89 15.68 -2.44 15.14
N ASP A 90 14.42 -2.77 15.40
CA ASP A 90 13.99 -4.06 15.96
C ASP A 90 12.69 -4.42 15.23
N VAL A 91 12.77 -5.35 14.28
CA VAL A 91 11.63 -5.66 13.44
C VAL A 91 10.56 -6.52 14.12
N ALA A 92 10.89 -7.17 15.21
CA ALA A 92 9.85 -7.85 15.97
C ALA A 92 8.89 -6.81 16.54
N ILE A 93 9.46 -5.76 17.12
CA ILE A 93 8.65 -4.70 17.70
C ILE A 93 7.96 -3.85 16.64
N TYR A 94 8.67 -3.57 15.54
CA TYR A 94 8.06 -2.83 14.44
C TYR A 94 6.81 -3.57 14.01
N ASN A 95 6.98 -4.88 13.83
CA ASN A 95 5.91 -5.71 13.29
C ASN A 95 4.72 -5.77 14.23
N MET A 96 5.02 -5.84 15.53
CA MET A 96 3.98 -5.80 16.53
C MET A 96 3.20 -4.49 16.53
N VAL A 97 3.92 -3.38 16.51
CA VAL A 97 3.29 -2.06 16.36
C VAL A 97 2.40 -1.95 15.13
N LYS A 98 2.88 -2.39 13.97
CA LYS A 98 2.05 -2.39 12.77
C LYS A 98 0.81 -3.26 12.85
N ARG A 99 0.92 -4.42 13.51
CA ARG A 99 -0.27 -5.23 13.70
C ARG A 99 -1.26 -4.50 14.59
N ALA A 100 -0.75 -3.83 15.62
CA ALA A 100 -1.63 -3.12 16.54
C ALA A 100 -2.34 -1.98 15.82
N ALA A 101 -1.59 -1.20 15.06
CA ALA A 101 -2.12 0.05 14.50
C ALA A 101 -2.91 -0.14 13.21
N ASP A 102 -2.37 -0.97 12.32
CA ASP A 102 -2.95 -1.20 10.99
C ASP A 102 -4.15 -2.11 11.08
N ILE A 103 -4.09 -3.09 11.97
CA ILE A 103 -5.08 -4.17 12.01
C ILE A 103 -6.08 -4.01 13.15
N THR A 104 -5.57 -3.95 14.37
CA THR A 104 -6.44 -4.17 15.51
C THR A 104 -7.22 -2.94 15.95
N PHE A 105 -6.52 -1.80 15.97
CA PHE A 105 -7.11 -0.54 16.39
C PHE A 105 -7.43 0.42 15.25
N GLY A 106 -6.70 0.28 14.15
CA GLY A 106 -6.98 1.08 12.97
C GLY A 106 -6.61 2.54 13.11
N VAL A 107 -5.32 2.81 13.27
CA VAL A 107 -4.84 4.18 13.35
C VAL A 107 -3.52 4.29 12.62
N HIS A 108 -3.34 5.38 11.88
CA HIS A 108 -2.07 5.61 11.20
C HIS A 108 -0.96 5.80 12.18
N THR A 109 0.19 5.26 11.84
CA THR A 109 1.36 5.40 12.66
C THR A 109 2.54 5.65 11.77
N VAL A 110 3.54 6.31 12.33
CA VAL A 110 4.88 6.22 11.77
C VAL A 110 5.82 5.64 12.80
N CYS A 111 6.69 4.73 12.37
CA CYS A 111 7.67 4.19 13.30
C CYS A 111 9.02 4.79 12.97
N CYS A 112 9.61 5.41 13.99
CA CYS A 112 10.88 6.10 13.88
C CYS A 112 11.79 5.61 14.99
N VAL A 113 13.05 5.35 14.65
CA VAL A 113 14.01 4.98 15.67
C VAL A 113 14.31 6.22 16.50
N ALA A 114 14.33 6.06 17.81
CA ALA A 114 14.28 7.21 18.72
C ALA A 114 15.54 8.04 18.55
N GLU A 115 16.67 7.36 18.39
CA GLU A 115 17.95 8.03 18.25
C GLU A 115 17.96 8.97 17.04
N LYS A 116 17.31 8.55 15.94
CA LYS A 116 17.24 9.37 14.73
C LYS A 116 16.27 10.54 14.89
N PHE A 117 15.10 10.26 15.46
CA PHE A 117 14.10 11.30 15.66
C PHE A 117 14.65 12.39 16.57
N LEU A 118 15.38 12.02 17.61
CA LEU A 118 15.74 12.97 18.66
C LEU A 118 17.07 13.66 18.35
N SER A 119 17.88 13.05 17.49
CA SER A 119 19.19 13.58 17.11
C SER A 119 19.03 14.91 16.40
N THR A 120 19.67 15.96 16.90
CA THR A 120 19.52 17.28 16.32
C THR A 120 20.13 17.36 14.92
N LYS A 121 21.33 16.83 14.77
CA LYS A 121 22.02 16.91 13.48
C LYS A 121 21.32 16.00 12.48
N GLY A 122 20.88 16.55 11.35
CA GLY A 122 20.28 15.73 10.31
C GLY A 122 18.78 15.52 10.49
N GLN A 123 18.26 16.06 11.59
CA GLN A 123 16.87 15.88 12.00
C GLN A 123 15.83 16.40 11.01
N LEU A 124 16.13 17.53 10.39
CA LEU A 124 15.24 18.16 9.44
C LEU A 124 14.98 17.32 8.19
N GLY A 125 15.99 16.61 7.70
CA GLY A 125 15.85 15.74 6.55
C GLY A 125 14.98 14.53 6.84
N TYR A 126 15.21 13.97 8.02
CA TYR A 126 14.45 12.84 8.51
C TYR A 126 12.98 13.28 8.67
N PHE A 127 12.77 14.47 9.21
CA PHE A 127 11.42 14.97 9.42
C PHE A 127 10.77 15.19 8.06
N ALA A 128 11.57 15.59 7.08
CA ALA A 128 11.08 15.74 5.72
C ALA A 128 10.54 14.43 5.20
N ASN A 129 11.27 13.34 5.41
CA ASN A 129 10.85 12.03 4.90
C ASN A 129 9.59 11.51 5.58
N VAL A 130 9.59 11.63 6.91
CA VAL A 130 8.46 11.16 7.69
C VAL A 130 7.25 11.98 7.25
N GLY A 131 7.46 13.27 7.08
CA GLY A 131 6.40 14.15 6.67
C GLY A 131 5.84 13.78 5.31
N LEU A 132 6.71 13.42 4.36
CA LEU A 132 6.24 12.93 3.07
C LEU A 132 5.29 11.74 3.23
N LYS A 133 5.66 10.87 4.18
CA LYS A 133 4.84 9.69 4.43
C LYS A 133 3.51 10.11 5.03
N VAL A 134 3.55 11.05 5.96
CA VAL A 134 2.34 11.46 6.64
C VAL A 134 1.38 12.07 5.62
N ASN A 135 1.92 12.91 4.74
CA ASN A 135 1.09 13.56 3.75
C ASN A 135 0.40 12.54 2.88
N LEU A 136 1.12 11.48 2.50
CA LEU A 136 0.51 10.46 1.66
C LEU A 136 -0.53 9.62 2.40
N LYS A 137 -0.22 9.22 3.63
CA LYS A 137 -1.10 8.36 4.39
C LYS A 137 -2.47 9.02 4.49
N PHE A 138 -2.46 10.34 4.65
CA PHE A 138 -3.68 11.10 4.88
C PHE A 138 -4.30 11.72 3.64
N GLY A 139 -3.83 11.31 2.46
CA GLY A 139 -4.58 11.53 1.25
C GLY A 139 -4.02 12.57 0.29
N GLY A 140 -2.84 13.10 0.59
CA GLY A 140 -2.34 14.23 -0.18
C GLY A 140 -1.49 13.78 -1.35
N THR A 141 -0.94 14.72 -2.09
CA THR A 141 0.07 14.40 -3.10
C THR A 141 1.38 15.16 -2.87
N ASN A 142 2.51 14.49 -3.00
CA ASN A 142 3.79 15.15 -2.72
C ASN A 142 4.38 15.94 -3.90
N HIS A 143 4.43 15.31 -5.07
CA HIS A 143 5.11 15.88 -6.24
C HIS A 143 4.22 16.00 -7.48
N ASN A 144 4.45 17.05 -8.26
CA ASN A 144 3.67 17.27 -9.46
C ASN A 144 4.63 17.01 -10.61
N ILE A 145 4.20 16.25 -11.61
CA ILE A 145 4.96 16.11 -12.85
C ILE A 145 4.76 17.29 -13.81
N LYS A 146 5.87 17.96 -14.12
CA LYS A 146 5.86 19.12 -15.00
C LYS A 146 5.22 18.83 -16.35
N THR A 147 5.64 17.71 -16.94
CA THR A 147 5.14 17.33 -18.24
C THR A 147 4.61 15.90 -18.34
N PRO A 148 3.28 15.74 -18.19
CA PRO A 148 2.72 14.39 -18.18
C PRO A 148 2.60 13.91 -19.63
N ILE A 149 2.94 12.66 -19.93
CA ILE A 149 2.48 12.01 -21.16
C ILE A 149 1.03 12.33 -21.52
N PRO A 150 0.76 12.70 -22.79
CA PRO A 150 -0.59 13.06 -23.23
C PRO A 150 -1.65 12.16 -22.59
N LEU A 151 -1.34 10.86 -22.62
CA LEU A 151 -2.24 9.80 -22.17
C LEU A 151 -2.67 9.90 -20.69
N LEU A 152 -1.76 10.36 -19.81
CA LEU A 152 -2.09 10.51 -18.39
C LEU A 152 -2.73 11.87 -18.17
N ALA A 153 -2.24 12.84 -18.94
CA ALA A 153 -2.66 14.22 -18.80
C ALA A 153 -4.18 14.27 -18.83
N LYS A 154 -4.75 13.71 -19.89
CA LYS A 154 -6.17 13.86 -20.16
C LYS A 154 -7.03 13.42 -18.97
N GLY A 155 -6.41 12.77 -17.99
CA GLY A 155 -7.14 12.19 -16.87
C GLY A 155 -8.08 11.04 -17.20
N LYS A 156 -7.74 10.25 -18.21
CA LYS A 156 -8.65 9.20 -18.66
C LYS A 156 -8.02 7.82 -18.50
N THR A 157 -6.94 7.74 -17.73
CA THR A 157 -6.22 6.49 -17.56
C THR A 157 -6.01 6.08 -16.11
N MET A 158 -6.41 4.85 -15.79
CA MET A 158 -6.17 4.30 -14.46
C MET A 158 -4.94 3.41 -14.48
N VAL A 159 -4.09 3.53 -13.46
CA VAL A 159 -2.93 2.65 -13.39
C VAL A 159 -3.05 1.72 -12.19
N VAL A 160 -2.66 0.47 -12.40
CA VAL A 160 -2.88 -0.60 -11.43
C VAL A 160 -1.59 -1.40 -11.29
N GLY A 161 -1.25 -1.84 -10.08
CA GLY A 161 -0.13 -2.76 -9.96
C GLY A 161 -0.53 -3.87 -9.01
N TYR A 162 -0.15 -5.12 -9.31
CA TYR A 162 -0.33 -6.17 -8.33
C TYR A 162 0.73 -7.24 -8.41
N ASP A 163 0.91 -7.93 -7.29
CA ASP A 163 1.87 -9.01 -7.22
C ASP A 163 1.19 -10.14 -6.45
N VAL A 164 1.64 -11.38 -6.68
CA VAL A 164 1.03 -12.57 -6.06
C VAL A 164 2.12 -13.43 -5.42
N THR A 165 2.02 -13.63 -4.12
CA THR A 165 3.07 -14.26 -3.32
C THR A 165 3.33 -15.77 -3.46
N HIS A 166 2.32 -16.59 -3.17
CA HIS A 166 2.46 -18.04 -3.16
C HIS A 166 3.42 -18.49 -2.05
N PRO A 167 3.17 -18.05 -0.80
CA PRO A 167 4.15 -18.42 0.23
C PRO A 167 3.81 -19.72 0.96
N THR A 168 3.40 -20.76 0.23
CA THR A 168 3.13 -22.05 0.85
C THR A 168 4.43 -22.85 0.74
N ASN A 169 4.47 -24.02 1.37
CA ASN A 169 5.48 -25.00 1.03
C ASN A 169 4.84 -26.07 0.14
N LEU A 170 5.27 -26.16 -1.12
CA LEU A 170 4.76 -27.22 -1.99
C LEU A 170 5.54 -28.48 -1.76
N ALA A 171 4.82 -29.57 -1.49
CA ALA A 171 5.47 -30.85 -1.29
C ALA A 171 4.51 -32.02 -1.48
N ALA A 172 5.06 -33.22 -1.63
CA ALA A 172 4.29 -34.44 -1.84
C ALA A 172 3.37 -34.45 -3.07
N GLY A 173 3.85 -33.97 -4.20
CA GLY A 173 2.99 -33.88 -5.37
C GLY A 173 1.91 -32.82 -5.37
N GLN A 174 1.86 -32.00 -4.32
CA GLN A 174 0.81 -31.00 -4.20
C GLN A 174 0.83 -30.20 -5.51
N SER A 175 -0.32 -29.97 -6.14
CA SER A 175 -0.38 -29.10 -7.32
C SER A 175 0.08 -27.67 -7.05
N PRO A 176 0.88 -27.11 -7.97
CA PRO A 176 1.36 -25.72 -7.90
C PRO A 176 0.23 -24.71 -8.06
N ALA A 177 -0.69 -24.95 -8.99
CA ALA A 177 -1.70 -23.95 -9.34
C ALA A 177 -2.69 -23.84 -8.20
N SER A 178 -2.88 -24.92 -7.46
CA SER A 178 -3.88 -24.98 -6.41
C SER A 178 -3.26 -24.42 -5.14
N ALA A 179 -1.95 -24.13 -5.20
CA ALA A 179 -1.18 -23.71 -4.04
C ALA A 179 -1.66 -22.37 -3.52
N PRO A 180 -1.86 -22.27 -2.19
CA PRO A 180 -2.26 -21.00 -1.57
C PRO A 180 -1.36 -19.83 -1.96
N SER A 181 -1.98 -18.67 -2.17
CA SER A 181 -1.23 -17.49 -2.56
C SER A 181 -1.86 -16.26 -1.91
N ILE A 182 -1.13 -15.15 -1.88
CA ILE A 182 -1.67 -13.89 -1.39
C ILE A 182 -1.55 -12.82 -2.47
N VAL A 183 -2.60 -12.05 -2.74
CA VAL A 183 -2.47 -11.00 -3.73
C VAL A 183 -2.39 -9.62 -3.09
N GLY A 184 -1.46 -8.80 -3.59
CA GLY A 184 -1.41 -7.38 -3.24
C GLY A 184 -1.67 -6.51 -4.46
N LEU A 185 -2.58 -5.56 -4.33
CA LEU A 185 -2.97 -4.71 -5.45
C LEU A 185 -3.04 -3.24 -5.03
N VAL A 186 -2.60 -2.33 -5.90
CA VAL A 186 -2.79 -0.90 -5.69
C VAL A 186 -3.37 -0.33 -6.97
N SER A 187 -4.07 0.80 -6.90
CA SER A 187 -4.39 1.51 -8.14
C SER A 187 -4.55 3.00 -7.90
N THR A 188 -4.38 3.81 -8.95
CA THR A 188 -4.70 5.24 -8.91
C THR A 188 -6.19 5.54 -8.91
N ILE A 189 -6.54 6.73 -8.40
CA ILE A 189 -7.93 7.14 -8.38
C ILE A 189 -8.18 8.48 -9.06
N ASP A 190 -7.14 9.06 -9.67
CA ASP A 190 -7.31 10.33 -10.37
C ASP A 190 -6.14 10.65 -11.30
N GLN A 191 -6.27 11.79 -11.96
CA GLN A 191 -5.30 12.23 -12.96
C GLN A 191 -3.97 12.61 -12.30
N HIS A 192 -3.98 12.86 -11.00
CA HIS A 192 -2.83 13.41 -10.27
C HIS A 192 -1.81 12.34 -9.88
N LEU A 193 -2.26 11.09 -9.72
CA LEU A 193 -1.38 9.97 -9.40
C LEU A 193 -0.66 10.04 -8.06
N GLY A 194 -1.19 10.78 -7.10
CA GLY A 194 -0.58 10.78 -5.79
C GLY A 194 -1.05 9.61 -4.94
N GLN A 195 -2.35 9.37 -4.97
CA GLN A 195 -2.98 8.36 -4.13
C GLN A 195 -3.11 7.00 -4.80
N TRP A 196 -2.73 5.94 -4.08
CA TRP A 196 -2.70 4.58 -4.60
C TRP A 196 -3.24 3.62 -3.57
N PRO A 197 -4.58 3.59 -3.43
CA PRO A 197 -5.26 2.67 -2.52
C PRO A 197 -4.95 1.20 -2.82
N ALA A 198 -4.95 0.39 -1.76
CA ALA A 198 -4.51 -1.00 -1.87
C ALA A 198 -5.64 -1.96 -1.51
N MET A 199 -5.52 -3.18 -2.02
CA MET A 199 -6.32 -4.32 -1.63
C MET A 199 -5.37 -5.47 -1.39
N VAL A 200 -5.67 -6.31 -0.42
CA VAL A 200 -4.92 -7.55 -0.22
C VAL A 200 -5.94 -8.66 -0.19
N TRP A 201 -5.52 -9.90 -0.42
CA TRP A 201 -6.42 -11.02 -0.18
C TRP A 201 -5.79 -12.39 -0.31
N ASN A 202 -6.45 -13.38 0.26
CA ASN A 202 -5.92 -14.73 0.22
C ASN A 202 -6.64 -15.63 -0.78
N ASN A 203 -5.86 -16.46 -1.45
CA ASN A 203 -6.40 -17.46 -2.35
C ASN A 203 -6.11 -18.85 -1.79
N PRO A 204 -6.98 -19.37 -0.90
CA PRO A 204 -6.57 -20.62 -0.25
C PRO A 204 -6.38 -21.79 -1.22
N HIS A 205 -7.16 -21.84 -2.29
CA HIS A 205 -6.96 -22.86 -3.33
C HIS A 205 -6.31 -22.30 -4.58
N GLY A 206 -5.55 -21.23 -4.43
CA GLY A 206 -4.75 -20.74 -5.53
C GLY A 206 -5.62 -20.22 -6.65
N GLN A 207 -5.34 -20.64 -7.86
CA GLN A 207 -6.03 -20.11 -9.04
C GLN A 207 -7.53 -20.30 -8.98
N GLU A 208 -8.01 -21.38 -8.36
CA GLU A 208 -9.45 -21.53 -8.19
C GLU A 208 -10.04 -20.35 -7.40
N SER A 209 -9.33 -19.95 -6.35
CA SER A 209 -9.74 -18.83 -5.53
C SER A 209 -9.52 -17.49 -6.24
N MET A 210 -8.42 -17.37 -6.97
CA MET A 210 -8.16 -16.17 -7.75
C MET A 210 -9.31 -15.95 -8.69
N THR A 211 -9.68 -17.02 -9.37
CA THR A 211 -10.79 -16.99 -10.31
C THR A 211 -12.06 -16.56 -9.59
N GLU A 212 -12.24 -17.02 -8.34
CA GLU A 212 -13.46 -16.64 -7.67
C GLU A 212 -13.50 -15.16 -7.24
N GLN A 213 -12.33 -14.55 -6.99
CA GLN A 213 -12.39 -13.25 -6.31
C GLN A 213 -11.98 -12.05 -7.17
N PHE A 214 -11.16 -12.31 -8.19
CA PHE A 214 -10.46 -11.22 -8.86
C PHE A 214 -11.38 -10.26 -9.61
N THR A 215 -12.42 -10.80 -10.24
CA THR A 215 -13.34 -9.97 -10.98
C THR A 215 -13.95 -8.92 -10.07
N ASP A 216 -14.45 -9.39 -8.93
CA ASP A 216 -15.14 -8.54 -7.96
C ASP A 216 -14.16 -7.54 -7.34
N LYS A 217 -12.94 -8.01 -7.09
CA LYS A 217 -11.95 -7.12 -6.51
C LYS A 217 -11.62 -5.97 -7.45
N PHE A 218 -11.39 -6.27 -8.72
CA PHE A 218 -11.08 -5.23 -9.69
C PHE A 218 -12.26 -4.30 -9.89
N LYS A 219 -13.43 -4.90 -9.83
CA LYS A 219 -14.67 -4.16 -9.91
C LYS A 219 -14.63 -3.06 -8.85
N THR A 220 -14.14 -3.37 -7.65
CA THR A 220 -14.07 -2.31 -6.65
C THR A 220 -13.13 -1.17 -7.03
N ARG A 221 -12.07 -1.47 -7.78
CA ARG A 221 -11.10 -0.43 -8.18
C ARG A 221 -11.72 0.51 -9.19
N LEU A 222 -12.51 -0.07 -10.09
CA LEU A 222 -13.18 0.74 -11.09
C LEU A 222 -14.18 1.64 -10.40
N GLU A 223 -14.86 1.08 -9.39
CA GLU A 223 -15.85 1.86 -8.65
C GLU A 223 -15.21 2.96 -7.83
N LEU A 224 -14.03 2.68 -7.30
CA LEU A 224 -13.27 3.66 -6.57
C LEU A 224 -12.89 4.83 -7.49
N TRP A 225 -12.40 4.53 -8.69
CA TRP A 225 -12.07 5.59 -9.66
C TRP A 225 -13.27 6.45 -10.05
N ARG A 226 -14.39 5.79 -10.37
CA ARG A 226 -15.56 6.51 -10.90
C ARG A 226 -16.21 7.47 -9.91
N SER A 227 -16.15 7.13 -8.63
CA SER A 227 -16.85 7.91 -7.60
C SER A 227 -15.99 9.07 -7.09
N ASN A 228 -14.79 9.21 -7.64
CA ASN A 228 -13.91 10.33 -7.33
C ASN A 228 -14.37 11.59 -8.03
N PRO A 229 -14.77 12.61 -7.25
CA PRO A 229 -15.27 13.89 -7.78
C PRO A 229 -14.44 14.38 -8.96
N ALA A 230 -13.12 14.24 -8.86
CA ALA A 230 -12.20 14.69 -9.90
C ALA A 230 -12.59 14.15 -11.28
N ASN A 231 -13.03 12.90 -11.32
CA ASN A 231 -13.25 12.19 -12.58
C ASN A 231 -14.67 12.31 -13.14
N ASN A 232 -15.54 12.97 -12.38
CA ASN A 232 -16.90 13.30 -12.83
C ASN A 232 -17.69 12.10 -13.36
N ARG A 233 -17.74 11.04 -12.58
CA ARG A 233 -18.55 9.85 -12.89
C ARG A 233 -18.06 9.14 -14.15
N SER A 234 -16.83 9.44 -14.55
CA SER A 234 -16.21 8.79 -15.69
C SER A 234 -15.52 7.50 -15.29
N LEU A 235 -15.75 6.42 -16.03
CA LEU A 235 -14.99 5.20 -15.84
C LEU A 235 -13.72 5.45 -16.64
N PRO A 236 -12.55 4.94 -16.19
CA PRO A 236 -11.38 5.26 -17.02
C PRO A 236 -11.55 4.68 -18.42
N GLU A 237 -11.04 5.38 -19.44
CA GLU A 237 -11.09 4.87 -20.80
C GLU A 237 -9.91 3.96 -21.09
N ASN A 238 -8.84 4.10 -20.31
CA ASN A 238 -7.68 3.22 -20.43
C ASN A 238 -7.22 2.69 -19.10
N ILE A 239 -6.59 1.53 -19.11
CA ILE A 239 -6.09 0.91 -17.89
C ILE A 239 -4.72 0.30 -18.14
N LEU A 240 -3.73 0.80 -17.42
CA LEU A 240 -2.38 0.28 -17.55
C LEU A 240 -2.12 -0.59 -16.32
N ILE A 241 -1.68 -1.82 -16.56
CA ILE A 241 -1.60 -2.81 -15.51
C ILE A 241 -0.21 -3.43 -15.39
N PHE A 242 0.39 -3.35 -14.20
CA PHE A 242 1.71 -3.93 -13.97
C PHE A 242 1.56 -5.15 -13.06
N ARG A 243 2.09 -6.28 -13.52
CA ARG A 243 2.12 -7.53 -12.76
C ARG A 243 3.55 -7.90 -12.34
N ASP A 244 3.81 -7.98 -11.04
CA ASP A 244 5.14 -8.41 -10.63
C ASP A 244 5.16 -9.90 -10.32
N GLY A 245 6.35 -10.47 -10.16
CA GLY A 245 6.47 -11.77 -9.54
C GLY A 245 6.37 -12.94 -10.51
N VAL A 246 6.40 -12.66 -11.81
CA VAL A 246 6.33 -13.73 -12.81
C VAL A 246 7.57 -13.96 -13.68
N SER A 247 8.00 -15.21 -13.73
CA SER A 247 9.02 -15.67 -14.67
C SER A 247 8.46 -15.63 -16.09
N GLU A 248 9.34 -15.59 -17.09
CA GLU A 248 8.92 -15.59 -18.50
C GLU A 248 7.87 -16.66 -18.83
N GLY A 249 7.96 -17.81 -18.17
CA GLY A 249 6.95 -18.85 -18.35
C GLY A 249 5.55 -18.40 -17.94
N GLN A 250 5.43 -17.96 -16.69
CA GLN A 250 4.12 -17.70 -16.12
C GLN A 250 3.42 -16.59 -16.90
N PHE A 251 4.09 -16.06 -17.92
CA PHE A 251 3.48 -15.00 -18.69
C PHE A 251 2.17 -15.55 -19.19
N GLN A 252 2.19 -16.80 -19.66
CA GLN A 252 0.97 -17.33 -20.26
C GLN A 252 -0.13 -17.40 -19.22
N MET A 253 0.24 -17.82 -18.01
CA MET A 253 -0.73 -17.88 -16.93
C MET A 253 -1.39 -16.54 -16.68
N VAL A 254 -0.59 -15.47 -16.67
CA VAL A 254 -1.12 -14.16 -16.43
C VAL A 254 -2.09 -13.83 -17.55
N ILE A 255 -1.66 -14.04 -18.79
CA ILE A 255 -2.55 -13.71 -19.90
C ILE A 255 -3.81 -14.57 -19.81
N LYS A 256 -3.65 -15.87 -19.59
CA LYS A 256 -4.82 -16.73 -19.73
C LYS A 256 -5.69 -16.84 -18.48
N ASP A 257 -5.07 -16.74 -17.31
CA ASP A 257 -5.79 -16.97 -16.06
C ASP A 257 -6.05 -15.73 -15.21
N GLU A 258 -5.57 -14.58 -15.65
CA GLU A 258 -5.77 -13.37 -14.86
C GLU A 258 -6.40 -12.23 -15.65
N LEU A 259 -5.84 -11.92 -16.81
CA LEU A 259 -6.31 -10.78 -17.57
C LEU A 259 -7.81 -10.90 -17.92
N PRO A 260 -8.26 -12.12 -18.24
CA PRO A 260 -9.68 -12.33 -18.53
C PRO A 260 -10.62 -11.94 -17.37
N LEU A 261 -10.13 -12.04 -16.13
CA LEU A 261 -10.95 -11.71 -14.96
C LEU A 261 -11.14 -10.21 -14.86
N VAL A 262 -10.11 -9.48 -15.23
CA VAL A 262 -10.19 -8.03 -15.34
C VAL A 262 -11.15 -7.66 -16.45
N ARG A 263 -11.04 -8.35 -17.58
CA ARG A 263 -11.97 -8.09 -18.66
C ARG A 263 -13.39 -8.30 -18.19
N ALA A 264 -13.61 -9.37 -17.41
CA ALA A 264 -14.96 -9.66 -16.93
C ALA A 264 -15.44 -8.56 -15.99
N ALA A 265 -14.57 -8.05 -15.14
CA ALA A 265 -14.98 -6.97 -14.25
C ALA A 265 -15.43 -5.76 -15.08
N CYS A 266 -14.67 -5.47 -16.14
CA CYS A 266 -14.99 -4.31 -16.96
C CYS A 266 -16.31 -4.50 -17.68
N LYS A 267 -16.50 -5.71 -18.20
CA LYS A 267 -17.74 -6.08 -18.86
C LYS A 267 -18.91 -5.88 -17.90
N LEU A 268 -18.67 -6.13 -16.61
CA LEU A 268 -19.75 -5.99 -15.62
C LEU A 268 -20.05 -4.54 -15.27
N VAL A 269 -19.07 -3.66 -15.45
CA VAL A 269 -19.26 -2.30 -14.94
C VAL A 269 -19.53 -1.31 -16.07
N TYR A 270 -18.89 -1.54 -17.21
CA TYR A 270 -18.87 -0.55 -18.30
C TYR A 270 -20.16 -0.57 -19.13
N PRO A 271 -20.50 0.58 -19.74
CA PRO A 271 -21.57 0.53 -20.74
C PRO A 271 -21.22 -0.53 -21.78
N ALA A 272 -22.21 -1.17 -22.38
CA ALA A 272 -21.95 -2.16 -23.42
C ALA A 272 -21.14 -1.62 -24.61
N GLY A 273 -20.15 -2.40 -25.05
CA GLY A 273 -19.28 -1.99 -26.15
C GLY A 273 -18.35 -0.82 -25.90
N LYS A 274 -18.31 -0.35 -24.67
CA LYS A 274 -17.50 0.82 -24.30
C LYS A 274 -16.37 0.45 -23.36
N LEU A 275 -16.12 -0.84 -23.22
CA LEU A 275 -15.04 -1.36 -22.40
C LEU A 275 -13.79 -0.55 -22.68
N PRO A 276 -12.96 -0.33 -21.66
CA PRO A 276 -11.73 0.45 -21.80
C PRO A 276 -10.64 -0.34 -22.49
N ARG A 277 -9.65 0.37 -23.01
CA ARG A 277 -8.47 -0.29 -23.53
C ARG A 277 -7.55 -0.63 -22.39
N ILE A 278 -6.89 -1.76 -22.52
CA ILE A 278 -6.04 -2.29 -21.48
C ILE A 278 -4.65 -2.61 -21.98
N THR A 279 -3.64 -2.29 -21.18
CA THR A 279 -2.31 -2.74 -21.51
C THR A 279 -1.77 -3.48 -20.30
N LEU A 280 -1.22 -4.67 -20.52
CA LEU A 280 -0.65 -5.45 -19.46
C LEU A 280 0.84 -5.53 -19.70
N ILE A 281 1.57 -5.21 -18.63
CA ILE A 281 3.02 -5.13 -18.57
C ILE A 281 3.48 -5.90 -17.35
N VAL A 282 4.55 -6.68 -17.45
CA VAL A 282 5.02 -7.40 -16.27
C VAL A 282 6.40 -6.89 -15.87
N SER A 283 6.56 -6.63 -14.57
CA SER A 283 7.84 -6.25 -13.98
C SER A 283 8.52 -7.34 -13.17
N VAL A 284 9.79 -7.60 -13.50
CA VAL A 284 10.57 -8.72 -12.98
C VAL A 284 11.67 -9.08 -13.98
N HIS A 340 13.76 -5.56 -16.15
CA HIS A 340 13.09 -4.71 -17.13
C HIS A 340 11.58 -4.90 -17.02
N TYR A 341 10.88 -4.44 -18.05
CA TYR A 341 9.44 -4.53 -18.19
C TYR A 341 9.12 -5.21 -19.50
N THR A 342 8.08 -6.03 -19.53
CA THR A 342 7.72 -6.67 -20.79
C THR A 342 6.23 -6.45 -21.00
N VAL A 343 5.88 -5.81 -22.11
CA VAL A 343 4.49 -5.66 -22.48
C VAL A 343 3.89 -6.95 -23.02
N LEU A 344 2.83 -7.44 -22.37
CA LEU A 344 2.23 -8.69 -22.76
C LEU A 344 1.04 -8.36 -23.66
N VAL A 345 0.36 -7.25 -23.35
CA VAL A 345 -0.80 -6.84 -24.15
C VAL A 345 -0.88 -5.32 -24.30
N ASP A 346 -1.07 -4.80 -25.51
CA ASP A 346 -1.21 -3.35 -25.62
C ASP A 346 -2.30 -2.91 -26.58
N GLU A 347 -3.30 -2.22 -26.05
CA GLU A 347 -4.42 -1.74 -26.86
C GLU A 347 -4.37 -0.23 -26.88
N ILE A 348 -3.48 0.35 -26.09
CA ILE A 348 -3.45 1.78 -25.89
C ILE A 348 -2.35 2.49 -26.67
N PHE A 349 -1.11 2.03 -26.48
CA PHE A 349 0.06 2.73 -26.98
C PHE A 349 0.29 2.67 -28.48
N ARG A 350 0.17 1.49 -29.06
CA ARG A 350 0.35 1.33 -30.50
C ARG A 350 -0.72 2.11 -31.25
N ALA A 351 -1.98 1.84 -30.90
CA ALA A 351 -3.12 2.62 -31.36
C ALA A 351 -2.83 4.12 -31.47
N ASP A 352 -2.52 4.74 -30.33
CA ASP A 352 -2.36 6.19 -30.28
C ASP A 352 -1.02 6.76 -30.78
N TYR A 353 0.06 5.98 -30.66
CA TYR A 353 1.41 6.54 -30.84
C TYR A 353 2.28 5.81 -31.87
N GLY A 354 1.65 4.92 -32.64
CA GLY A 354 2.32 4.10 -33.62
C GLY A 354 3.72 3.59 -33.29
N ASN A 355 4.70 3.97 -34.12
CA ASN A 355 6.09 3.58 -33.90
C ASN A 355 6.70 4.07 -32.58
N LYS A 356 6.22 5.21 -32.12
CA LYS A 356 6.77 5.83 -30.92
C LYS A 356 6.13 5.29 -29.63
N ALA A 357 5.44 4.16 -29.75
CA ALA A 357 4.68 3.61 -28.64
C ALA A 357 5.65 3.30 -27.51
N ALA A 358 6.57 2.37 -27.76
CA ALA A 358 7.53 1.90 -26.77
C ALA A 358 8.16 3.08 -26.02
N ASP A 359 8.63 4.08 -26.76
CA ASP A 359 9.32 5.20 -26.15
C ASP A 359 8.35 6.10 -25.38
N THR A 360 7.08 6.08 -25.77
CA THR A 360 6.09 6.91 -25.08
C THR A 360 5.75 6.27 -23.74
N LEU A 361 5.85 4.95 -23.70
CA LEU A 361 5.57 4.23 -22.47
C LEU A 361 6.77 4.27 -21.54
N GLU A 362 7.98 4.29 -22.11
CA GLU A 362 9.18 4.40 -21.29
C GLU A 362 9.34 5.80 -20.71
N GLN A 363 8.89 6.78 -21.48
CA GLN A 363 8.78 8.16 -21.00
C GLN A 363 7.68 8.24 -19.95
N LEU A 364 6.59 7.49 -20.14
CA LEU A 364 5.46 7.56 -19.22
C LEU A 364 5.86 7.00 -17.86
N THR A 365 6.63 5.93 -17.89
CA THR A 365 7.00 5.22 -16.66
C THR A 365 8.14 5.98 -16.00
N HIS A 366 8.87 6.74 -16.81
CA HIS A 366 9.83 7.68 -16.25
C HIS A 366 9.11 8.83 -15.54
N ASP A 367 8.09 9.42 -16.17
CA ASP A 367 7.26 10.38 -15.46
C ASP A 367 6.71 9.80 -14.16
N MET A 368 6.38 8.51 -14.16
CA MET A 368 5.84 7.85 -12.96
C MET A 368 6.82 7.76 -11.80
N CYS A 369 8.04 7.33 -12.09
CA CYS A 369 9.07 7.28 -11.07
C CYS A 369 9.21 8.61 -10.32
N TYR A 370 8.67 9.68 -10.88
CA TYR A 370 8.75 11.01 -10.26
C TYR A 370 8.36 10.99 -8.77
N LEU A 371 7.34 10.20 -8.43
CA LEU A 371 6.91 10.11 -7.03
C LEU A 371 7.89 9.31 -6.17
N CYS A 382 9.59 0.83 -10.06
CA CYS A 382 8.53 1.71 -10.53
C CYS A 382 7.34 1.69 -9.56
N PRO A 383 6.68 2.84 -9.36
CA PRO A 383 5.65 2.92 -8.32
C PRO A 383 4.54 1.85 -8.33
N PRO A 384 3.86 1.59 -9.46
CA PRO A 384 2.74 0.66 -9.29
C PRO A 384 3.19 -0.71 -8.77
N ALA A 385 4.29 -1.18 -9.32
CA ALA A 385 4.81 -2.50 -9.00
C ALA A 385 5.50 -2.53 -7.64
N TYR A 386 6.12 -1.41 -7.30
CA TYR A 386 6.85 -1.29 -6.05
C TYR A 386 5.85 -1.22 -4.90
N TYR A 387 4.84 -0.38 -5.08
CA TYR A 387 3.78 -0.24 -4.12
C TYR A 387 3.08 -1.58 -3.94
N ALA A 388 2.80 -2.29 -5.04
CA ALA A 388 2.16 -3.59 -4.88
C ALA A 388 3.03 -4.52 -4.02
N ASP A 389 4.34 -4.48 -4.24
CA ASP A 389 5.26 -5.32 -3.46
C ASP A 389 5.18 -4.92 -1.98
N LEU A 390 5.07 -3.63 -1.72
CA LEU A 390 5.07 -3.12 -0.36
C LEU A 390 3.81 -3.61 0.33
N VAL A 391 2.74 -3.64 -0.45
CA VAL A 391 1.46 -4.13 0.03
C VAL A 391 1.55 -5.60 0.43
N CYS A 392 2.15 -6.42 -0.44
CA CYS A 392 2.38 -7.82 -0.12
C CYS A 392 3.22 -8.01 1.15
N ASP A 393 4.33 -7.30 1.23
CA ASP A 393 5.23 -7.38 2.38
C ASP A 393 4.48 -7.06 3.66
N ARG A 394 3.69 -5.99 3.62
CA ARG A 394 2.94 -5.58 4.80
C ARG A 394 1.91 -6.64 5.13
N ALA A 395 1.35 -7.29 4.10
CA ALA A 395 0.38 -8.35 4.36
C ALA A 395 1.09 -9.47 5.13
N ARG A 396 2.33 -9.74 4.75
CA ARG A 396 3.14 -10.77 5.39
C ARG A 396 3.33 -10.46 6.86
N ILE A 397 3.52 -9.17 7.14
CA ILE A 397 3.61 -8.69 8.53
C ILE A 397 2.28 -8.83 9.29
N HIS A 398 1.18 -8.47 8.63
CA HIS A 398 -0.16 -8.59 9.20
C HIS A 398 -0.57 -10.00 9.64
N GLN A 399 -0.21 -11.00 8.84
CA GLN A 399 -0.71 -12.36 9.03
C GLN A 399 0.28 -13.19 9.86
N LYS A 400 0.49 -12.76 11.10
CA LYS A 400 1.47 -13.36 11.99
C LYS A 400 1.22 -14.82 12.30
N GLU A 401 -0.05 -15.17 12.53
CA GLU A 401 -0.40 -16.54 12.84
C GLU A 401 0.07 -17.50 11.77
N LEU A 402 -0.17 -17.12 10.51
CA LEU A 402 0.23 -17.94 9.38
C LEU A 402 1.74 -18.12 9.28
N PHE A 403 2.48 -17.03 9.32
CA PHE A 403 3.92 -17.15 9.16
C PHE A 403 4.63 -17.81 10.34
N ASP A 404 4.10 -17.59 11.54
CA ASP A 404 4.59 -18.28 12.73
C ASP A 404 4.34 -19.77 12.56
N ALA A 405 3.18 -20.12 12.03
CA ALA A 405 2.90 -21.52 11.83
C ALA A 405 3.85 -22.10 10.79
N LEU A 406 4.15 -21.32 9.75
CA LEU A 406 5.01 -21.83 8.69
C LEU A 406 6.47 -21.95 9.12
N ASP A 407 6.85 -21.19 10.15
CA ASP A 407 8.17 -21.37 10.76
C ASP A 407 8.32 -22.69 11.51
N GLU A 408 7.20 -23.23 11.96
CA GLU A 408 7.21 -24.48 12.72
C GLU A 408 6.89 -25.77 11.96
N ASN A 409 5.60 -25.97 11.74
CA ASN A 409 5.09 -27.12 10.99
C ASN A 409 5.36 -27.12 9.51
N ASP A 410 5.44 -25.93 8.91
CA ASP A 410 5.70 -25.80 7.48
C ASP A 410 4.44 -26.14 6.66
N SER A 411 3.40 -26.59 7.37
CA SER A 411 2.15 -26.99 6.73
C SER A 411 1.02 -26.27 7.48
N VAL A 412 0.07 -25.71 6.74
CA VAL A 412 -1.14 -25.17 7.35
C VAL A 412 -2.42 -25.51 6.58
N LYS A 413 -3.48 -25.80 7.34
CA LYS A 413 -4.77 -26.13 6.77
C LYS A 413 -5.22 -24.96 5.90
N THR A 414 -5.89 -25.25 4.79
CA THR A 414 -6.46 -24.22 3.93
C THR A 414 -7.46 -23.31 4.67
N ASP A 415 -8.23 -23.88 5.58
CA ASP A 415 -9.17 -23.10 6.38
C ASP A 415 -8.41 -22.12 7.26
N ASP A 416 -7.23 -22.54 7.70
CA ASP A 416 -6.39 -21.70 8.51
C ASP A 416 -5.90 -20.54 7.65
N PHE A 417 -5.49 -20.84 6.41
CA PHE A 417 -5.09 -19.81 5.46
C PHE A 417 -6.16 -18.75 5.25
N ALA A 418 -7.39 -19.21 5.03
CA ALA A 418 -8.49 -18.28 4.80
C ALA A 418 -8.78 -17.42 6.04
N ARG A 419 -8.87 -18.04 7.22
CA ARG A 419 -9.30 -17.24 8.36
C ARG A 419 -8.18 -16.36 8.86
N TRP A 420 -6.94 -16.81 8.69
CA TRP A 420 -5.80 -15.95 8.96
C TRP A 420 -5.68 -14.80 7.98
N GLY A 421 -6.17 -15.00 6.76
CA GLY A 421 -6.34 -13.89 5.85
C GLY A 421 -7.33 -12.87 6.34
N ASN A 422 -8.47 -13.33 6.85
CA ASN A 422 -9.47 -12.43 7.40
C ASN A 422 -8.97 -11.67 8.63
N SER A 423 -8.32 -12.38 9.53
CA SER A 423 -7.82 -11.80 10.79
C SER A 423 -6.74 -10.75 10.57
N GLY A 424 -5.96 -10.91 9.51
CA GLY A 424 -4.84 -10.03 9.23
C GLY A 424 -5.16 -9.00 8.17
N ALA A 425 -6.44 -8.66 8.04
CA ALA A 425 -6.87 -7.66 7.07
C ALA A 425 -6.77 -6.28 7.71
N VAL A 426 -6.43 -5.27 6.90
CA VAL A 426 -6.27 -3.92 7.37
C VAL A 426 -7.59 -3.41 7.94
N HIS A 427 -7.51 -2.64 9.02
CA HIS A 427 -8.71 -2.16 9.73
C HIS A 427 -9.49 -1.27 8.75
N PRO A 428 -10.82 -1.30 8.82
CA PRO A 428 -11.63 -0.48 7.90
C PRO A 428 -11.39 1.02 7.96
N ASN A 429 -10.94 1.52 9.10
CA ASN A 429 -10.53 2.92 9.23
C ASN A 429 -9.48 3.32 8.21
N LEU A 430 -8.67 2.35 7.79
CA LEU A 430 -7.53 2.62 6.92
C LEU A 430 -7.75 2.04 5.53
N ARG A 431 -8.94 1.50 5.29
CA ARG A 431 -9.21 0.66 4.13
C ARG A 431 -8.67 1.14 2.77
N ASN A 432 -8.97 2.38 2.40
CA ASN A 432 -8.50 2.91 1.12
C ASN A 432 -7.28 3.81 1.25
N SER A 433 -6.50 3.61 2.29
CA SER A 433 -5.42 4.57 2.60
C SER A 433 -4.08 3.95 2.26
N MET A 434 -3.08 4.80 2.14
CA MET A 434 -1.71 4.34 1.91
C MET A 434 -0.98 3.99 3.20
N TYR A 435 -1.61 3.15 4.00
CA TYR A 435 -1.06 2.65 5.25
C TYR A 435 0.29 1.93 5.08
N TYR A 436 0.55 1.50 3.85
CA TYR A 436 1.67 0.60 3.60
C TYR A 436 2.92 1.42 3.30
N ILE A 437 2.75 2.73 3.25
CA ILE A 437 3.77 3.61 2.73
C ILE A 437 4.70 4.11 3.85
S SO4 B . 6.35 3.46 8.65
O1 SO4 B . 7.13 4.65 8.97
O2 SO4 B . 5.04 3.84 8.12
O3 SO4 B . 6.18 2.67 9.86
O4 SO4 B . 7.06 2.69 7.64
C1 GOL C . 7.79 1.41 32.94
O1 GOL C . 8.67 1.23 31.85
C2 GOL C . 6.49 0.72 32.61
O2 GOL C . 6.64 0.06 31.37
C3 GOL C . 5.38 1.76 32.47
O3 GOL C . 4.41 1.27 31.56
#